data_7ZIX
#
_entry.id   7ZIX
#
_cell.length_a   44.227
_cell.length_b   78.399
_cell.length_c   81.623
_cell.angle_alpha   90.000
_cell.angle_beta   92.571
_cell.angle_gamma   90.000
#
_symmetry.space_group_name_H-M   'P 1 21 1'
#
loop_
_entity.id
_entity.type
_entity.pdbx_description
1 polymer 'Haloalkane dehalogenase'
2 non-polymer [9-[2-carboxy-5-[2-[2-[4-(methylsulfonylamino)butoxy]ethoxy]ethylcarbamoyl]phenyl]-6-(dimethylamino)xanthen-3-ylidene]-dimethyl-azanium
3 water water
#
_entity_poly.entity_id   1
_entity_poly.type   'polypeptide(L)'
_entity_poly.pdbx_seq_one_letter_code
;GIGTGFPFDPHYVEVLGERMHYVDVGPRDGTPVLFLHGNPTSSYVWRNIIPHVAPTHRCIAPDLIGMGKSDKPDLGYFFD
DHVRFMDAFIEALGLEEVVLVIHDWGSALGFHWAKRNPERVKGIAFMEFIRPIPTWDEWPEFARETFQAFRTTDVGRKLI
IDQNVFIEGTLPMGVVRPLTEVEMDHYREPFLNPVDREPLWRFPNELPIAGEPANIVALVEEYMDWLHQSPVPKLLFWGT
PGVLIPPAEAARLAKSLPNCKAVDIGPGLNLLQEDNPDLIGSEIARWLSTLEI
;
_entity_poly.pdbx_strand_id   A,B
#
loop_
_chem_comp.id
_chem_comp.type
_chem_comp.name
_chem_comp.formula
IYU non-polymer [9-[2-carboxy-5-[2-[2-[4-(methylsulfonylamino)butoxy]ethoxy]ethylcarbamoyl]phenyl]-6-(dimethylamino)xanthen-3-ylidene]-dimethyl-azanium 'C34 H43 N4 O8 S 1'
#
# COMPACT_ATOMS: atom_id res chain seq x y z
N GLY A 1 17.00 -27.77 18.55
CA GLY A 1 17.80 -26.91 17.68
C GLY A 1 17.10 -25.61 17.32
N ILE A 2 17.85 -24.51 17.40
CA ILE A 2 17.31 -23.22 16.99
C ILE A 2 17.18 -23.18 15.47
N GLY A 3 15.99 -22.85 14.99
CA GLY A 3 15.70 -22.83 13.57
C GLY A 3 16.65 -22.01 12.72
N THR A 4 17.10 -22.58 11.60
CA THR A 4 17.99 -21.91 10.68
C THR A 4 17.33 -21.51 9.37
N GLY A 5 16.17 -22.08 9.06
CA GLY A 5 15.55 -21.84 7.78
C GLY A 5 14.64 -20.61 7.77
N PHE A 6 14.32 -20.18 6.55
CA PHE A 6 13.51 -18.98 6.30
C PHE A 6 12.37 -19.38 5.38
N PRO A 7 11.27 -19.92 5.93
CA PRO A 7 10.23 -20.51 5.10
C PRO A 7 9.23 -19.52 4.53
N PHE A 8 9.33 -18.24 4.85
CA PHE A 8 8.27 -17.29 4.51
C PHE A 8 8.25 -16.98 3.03
N ASP A 9 7.05 -16.91 2.47
CA ASP A 9 6.88 -16.52 1.08
C ASP A 9 7.30 -15.06 0.89
N PRO A 10 7.88 -14.74 -0.26
CA PRO A 10 8.27 -13.34 -0.50
C PRO A 10 7.06 -12.47 -0.81
N HIS A 11 7.06 -11.26 -0.26
CA HIS A 11 6.11 -10.23 -0.60
C HIS A 11 6.89 -8.96 -0.94
N TYR A 12 6.37 -8.19 -1.89
CA TYR A 12 7.06 -7.00 -2.37
C TYR A 12 6.07 -5.86 -2.50
N VAL A 13 6.58 -4.64 -2.33
CA VAL A 13 5.78 -3.43 -2.49
C VAL A 13 6.69 -2.32 -2.99
N GLU A 14 6.28 -1.66 -4.07
CA GLU A 14 7.06 -0.58 -4.66
C GLU A 14 6.97 0.64 -3.75
N VAL A 15 8.12 1.15 -3.31
CA VAL A 15 8.16 2.25 -2.37
C VAL A 15 9.24 3.24 -2.82
N LEU A 16 8.83 4.48 -3.10
CA LEU A 16 9.75 5.52 -3.55
C LEU A 16 10.54 5.05 -4.78
N GLY A 17 9.85 4.36 -5.68
CA GLY A 17 10.51 3.85 -6.88
C GLY A 17 11.40 2.64 -6.66
N GLU A 18 11.38 2.06 -5.46
CA GLU A 18 12.23 0.92 -5.13
C GLU A 18 11.38 -0.20 -4.57
N ARG A 19 11.70 -1.43 -4.97
CA ARG A 19 11.00 -2.59 -4.46
C ARG A 19 11.55 -2.97 -3.09
N MET A 20 10.65 -3.14 -2.12
CA MET A 20 11.03 -3.57 -0.77
C MET A 20 10.38 -4.91 -0.46
N HIS A 21 11.11 -5.75 0.26
CA HIS A 21 10.66 -7.09 0.59
C HIS A 21 10.22 -7.15 2.05
N TYR A 22 9.14 -7.88 2.30
CA TYR A 22 8.64 -8.01 3.66
C TYR A 22 8.00 -9.38 3.84
N VAL A 23 8.07 -9.88 5.07
CA VAL A 23 7.34 -11.06 5.49
C VAL A 23 5.95 -10.64 5.93
N ASP A 24 4.94 -11.42 5.56
CA ASP A 24 3.54 -11.13 5.95
C ASP A 24 2.86 -12.46 6.24
N VAL A 25 2.67 -12.78 7.51
CA VAL A 25 1.98 -13.99 7.93
C VAL A 25 0.96 -13.65 9.01
N GLY A 26 0.19 -14.66 9.40
CA GLY A 26 -0.79 -14.50 10.44
C GLY A 26 -2.16 -14.18 9.89
N PRO A 27 -3.17 -14.16 10.76
CA PRO A 27 -4.53 -13.83 10.29
C PRO A 27 -4.61 -12.40 9.80
N ARG A 28 -5.55 -12.15 8.88
CA ARG A 28 -5.60 -10.88 8.20
C ARG A 28 -6.26 -9.78 9.03
N ASP A 29 -7.17 -10.14 9.92
CA ASP A 29 -7.87 -9.16 10.75
C ASP A 29 -7.07 -8.86 12.00
N GLY A 30 -7.56 -7.90 12.78
CA GLY A 30 -6.89 -7.52 14.02
C GLY A 30 -5.74 -6.57 13.79
N THR A 31 -5.10 -6.22 14.90
CA THR A 31 -3.99 -5.27 14.86
C THR A 31 -2.71 -5.98 14.44
N PRO A 32 -2.04 -5.50 13.40
CA PRO A 32 -0.81 -6.16 12.95
C PRO A 32 0.36 -5.85 13.87
N VAL A 33 1.38 -6.71 13.77
CA VAL A 33 2.62 -6.57 14.52
C VAL A 33 3.73 -6.32 13.52
N LEU A 34 4.37 -5.16 13.61
CA LEU A 34 5.41 -4.76 12.68
C LEU A 34 6.78 -5.00 13.31
N PHE A 35 7.58 -5.85 12.67
CA PHE A 35 8.91 -6.24 13.14
C PHE A 35 9.96 -5.45 12.37
N LEU A 36 10.83 -4.74 13.10
CA LEU A 36 11.85 -3.91 12.47
C LEU A 36 13.24 -4.39 12.89
N HIS A 37 14.00 -4.89 11.93
CA HIS A 37 15.37 -5.35 12.16
C HIS A 37 16.35 -4.19 12.05
N GLY A 38 17.59 -4.46 12.40
CA GLY A 38 18.64 -3.46 12.39
C GLY A 38 19.84 -3.92 11.60
N ASN A 39 21.02 -3.49 12.03
CA ASN A 39 22.31 -3.74 11.40
C ASN A 39 23.02 -4.89 12.09
N PRO A 40 23.56 -5.87 11.34
CA PRO A 40 23.53 -6.02 9.89
C PRO A 40 22.58 -7.11 9.43
N THR A 41 21.36 -7.13 9.97
CA THR A 41 20.49 -8.28 9.83
C THR A 41 19.45 -8.03 8.74
N SER A 42 18.33 -8.75 8.82
CA SER A 42 17.20 -8.62 7.91
C SER A 42 16.00 -9.21 8.63
N SER A 43 14.90 -9.45 7.90
CA SER A 43 13.79 -10.16 8.50
C SER A 43 14.19 -11.56 8.96
N TYR A 44 15.34 -12.05 8.50
CA TYR A 44 15.85 -13.35 8.94
C TYR A 44 16.07 -13.38 10.44
N VAL A 45 16.37 -12.22 11.05
CA VAL A 45 16.60 -12.15 12.50
C VAL A 45 15.32 -12.38 13.28
N TRP A 46 14.16 -12.31 12.63
CA TRP A 46 12.87 -12.56 13.26
C TRP A 46 12.33 -13.95 12.97
N ARG A 47 13.13 -14.83 12.35
CA ARG A 47 12.59 -16.07 11.81
C ARG A 47 12.01 -16.99 12.88
N ASN A 48 12.56 -16.99 14.09
CA ASN A 48 12.14 -17.91 15.13
C ASN A 48 11.25 -17.26 16.17
N ILE A 49 10.97 -15.97 16.03
CA ILE A 49 10.12 -15.24 16.96
C ILE A 49 8.71 -15.06 16.42
N ILE A 50 8.60 -14.76 15.13
CA ILE A 50 7.33 -14.64 14.42
C ILE A 50 6.45 -15.87 14.64
N PRO A 51 6.97 -17.10 14.57
CA PRO A 51 6.09 -18.28 14.77
C PRO A 51 5.35 -18.30 16.10
N HIS A 52 5.77 -17.51 17.09
CA HIS A 52 5.02 -17.46 18.34
C HIS A 52 3.86 -16.48 18.28
N VAL A 53 3.95 -15.48 17.41
CA VAL A 53 2.95 -14.42 17.30
C VAL A 53 2.02 -14.71 16.13
N ALA A 54 2.56 -15.36 15.09
CA ALA A 54 1.77 -15.60 13.88
C ALA A 54 0.48 -16.40 14.10
N PRO A 55 0.37 -17.32 15.07
CA PRO A 55 -0.93 -18.01 15.24
C PRO A 55 -2.11 -17.07 15.48
N THR A 56 -1.91 -15.97 16.20
CA THR A 56 -3.02 -15.12 16.60
C THR A 56 -2.96 -13.69 16.05
N HIS A 57 -1.84 -13.25 15.49
CA HIS A 57 -1.69 -11.88 15.02
C HIS A 57 -1.01 -11.85 13.67
N ARG A 58 -1.39 -10.87 12.85
CA ARG A 58 -0.66 -10.61 11.62
C ARG A 58 0.74 -10.12 11.95
N CYS A 59 1.73 -10.67 11.24
CA CYS A 59 3.14 -10.33 11.45
C CYS A 59 3.71 -9.81 10.14
N ILE A 60 4.19 -8.57 10.15
CA ILE A 60 4.83 -7.92 9.01
C ILE A 60 6.28 -7.64 9.38
N ALA A 61 7.21 -8.20 8.62
CA ALA A 61 8.64 -8.03 8.86
C ALA A 61 9.30 -7.58 7.57
N PRO A 62 9.52 -6.28 7.40
CA PRO A 62 10.19 -5.79 6.19
C PRO A 62 11.70 -5.92 6.29
N ASP A 63 12.31 -5.96 5.11
CA ASP A 63 13.75 -5.77 4.99
C ASP A 63 14.02 -4.30 4.68
N LEU A 64 14.86 -3.67 5.49
CA LEU A 64 15.21 -2.28 5.25
C LEU A 64 15.78 -2.11 3.84
N ILE A 65 15.70 -0.88 3.32
CA ILE A 65 16.19 -0.61 1.99
C ILE A 65 17.68 -0.92 1.92
N GLY A 66 18.11 -1.51 0.81
CA GLY A 66 19.49 -1.94 0.68
C GLY A 66 19.88 -3.13 1.51
N MET A 67 18.92 -3.82 2.15
CA MET A 67 19.21 -4.96 2.99
C MET A 67 18.22 -6.07 2.70
N GLY A 68 18.52 -7.27 3.18
CA GLY A 68 17.65 -8.40 2.91
C GLY A 68 17.45 -8.61 1.42
N LYS A 69 16.20 -8.88 1.04
CA LYS A 69 15.83 -9.03 -0.37
C LYS A 69 15.33 -7.73 -0.98
N SER A 70 15.40 -6.62 -0.25
CA SER A 70 14.95 -5.34 -0.79
C SER A 70 15.95 -4.80 -1.81
N ASP A 71 15.48 -3.87 -2.63
CA ASP A 71 16.30 -3.30 -3.68
C ASP A 71 17.49 -2.54 -3.08
N LYS A 72 18.49 -2.28 -3.93
CA LYS A 72 19.76 -1.69 -3.49
C LYS A 72 20.05 -0.43 -4.29
N PRO A 73 19.27 0.63 -4.10
CA PRO A 73 19.54 1.89 -4.80
C PRO A 73 20.87 2.49 -4.36
N ASP A 74 21.41 3.33 -5.25
CA ASP A 74 22.69 3.98 -5.00
C ASP A 74 22.44 5.20 -4.10
N LEU A 75 22.33 4.93 -2.81
CA LEU A 75 22.11 5.97 -1.81
C LEU A 75 23.22 5.92 -0.76
N GLY A 76 23.29 6.97 0.05
CA GLY A 76 24.22 6.97 1.17
C GLY A 76 23.76 6.13 2.33
N TYR A 77 22.47 5.79 2.36
CA TYR A 77 21.88 4.96 3.42
C TYR A 77 22.04 5.58 4.80
N PHE A 78 22.02 6.91 4.86
CA PHE A 78 21.87 7.62 6.12
C PHE A 78 20.58 7.19 6.80
N PHE A 79 20.51 7.45 8.10
CA PHE A 79 19.29 7.16 8.84
C PHE A 79 18.09 7.85 8.22
N ASP A 80 18.29 9.07 7.70
CA ASP A 80 17.19 9.79 7.07
C ASP A 80 16.67 9.07 5.84
N ASP A 81 17.53 8.36 5.11
CA ASP A 81 17.08 7.54 4.00
C ASP A 81 16.16 6.43 4.49
N HIS A 82 16.56 5.76 5.57
CA HIS A 82 15.75 4.67 6.10
C HIS A 82 14.44 5.18 6.68
N VAL A 83 14.43 6.41 7.20
CA VAL A 83 13.20 6.98 7.72
C VAL A 83 12.20 7.22 6.59
N ARG A 84 12.65 7.84 5.51
CA ARG A 84 11.75 8.10 4.39
C ARG A 84 11.22 6.80 3.79
N PHE A 85 12.09 5.78 3.68
CA PHE A 85 11.64 4.53 3.09
C PHE A 85 10.70 3.78 4.02
N MET A 86 10.93 3.84 5.33
CA MET A 86 10.06 3.14 6.27
C MET A 86 8.75 3.89 6.47
N ASP A 87 8.79 5.24 6.43
CA ASP A 87 7.57 6.02 6.42
C ASP A 87 6.70 5.64 5.23
N ALA A 88 7.31 5.54 4.04
CA ALA A 88 6.55 5.24 2.84
C ALA A 88 6.15 3.77 2.77
N PHE A 89 6.94 2.88 3.38
CA PHE A 89 6.54 1.48 3.44
C PHE A 89 5.24 1.33 4.25
N ILE A 90 5.18 1.97 5.41
CA ILE A 90 4.02 1.82 6.28
C ILE A 90 2.77 2.37 5.58
N GLU A 91 2.90 3.49 4.87
CA GLU A 91 1.75 4.04 4.15
C GLU A 91 1.43 3.20 2.92
N ALA A 92 2.44 2.67 2.24
CA ALA A 92 2.17 1.87 1.05
C ALA A 92 1.41 0.60 1.39
N LEU A 93 1.58 0.09 2.61
CA LEU A 93 0.84 -1.08 3.08
C LEU A 93 -0.47 -0.71 3.75
N GLY A 94 -0.83 0.57 3.80
CA GLY A 94 -2.11 0.97 4.36
C GLY A 94 -2.27 0.62 5.83
N LEU A 95 -1.18 0.58 6.59
CA LEU A 95 -1.25 0.24 8.00
C LEU A 95 -1.81 1.42 8.79
N GLU A 96 -2.77 1.14 9.67
CA GLU A 96 -3.34 2.17 10.53
C GLU A 96 -2.72 2.09 11.91
N GLU A 97 -3.24 1.21 12.76
CA GLU A 97 -2.69 0.97 14.09
C GLU A 97 -1.83 -0.27 14.07
N VAL A 98 -0.70 -0.22 14.80
CA VAL A 98 0.26 -1.31 14.82
C VAL A 98 0.79 -1.50 16.24
N VAL A 99 1.33 -2.70 16.48
CA VAL A 99 2.22 -2.98 17.59
C VAL A 99 3.62 -3.12 17.03
N LEU A 100 4.60 -2.51 17.69
CA LEU A 100 5.98 -2.50 17.19
C LEU A 100 6.82 -3.52 17.95
N VAL A 101 7.57 -4.33 17.21
CA VAL A 101 8.64 -5.16 17.75
C VAL A 101 9.91 -4.75 17.03
N ILE A 102 10.79 -4.05 17.72
CA ILE A 102 11.89 -3.34 17.07
C ILE A 102 13.22 -3.68 17.73
N HIS A 103 14.29 -3.61 16.94
CA HIS A 103 15.61 -4.01 17.42
C HIS A 103 16.69 -3.21 16.71
N ASP A 104 17.71 -2.81 17.47
CA ASP A 104 18.94 -2.22 16.94
C ASP A 104 18.57 -0.96 16.17
N TRP A 105 18.95 -0.81 14.89
CA TRP A 105 18.59 0.40 14.16
C TRP A 105 17.10 0.43 13.83
N GLY A 106 16.46 -0.72 13.71
CA GLY A 106 15.01 -0.74 13.56
C GLY A 106 14.30 -0.08 14.71
N SER A 107 14.88 -0.12 15.91
CA SER A 107 14.27 0.50 17.07
C SER A 107 14.28 2.03 16.95
N ALA A 108 15.38 2.59 16.45
CA ALA A 108 15.41 4.01 16.14
C ALA A 108 14.38 4.37 15.08
N LEU A 109 14.17 3.48 14.11
CA LEU A 109 13.10 3.71 13.14
C LEU A 109 11.73 3.59 13.80
N GLY A 110 11.57 2.61 14.69
CA GLY A 110 10.29 2.43 15.34
C GLY A 110 9.96 3.56 16.29
N PHE A 111 10.93 3.95 17.13
CA PHE A 111 10.68 4.99 18.12
C PHE A 111 10.49 6.35 17.47
N HIS A 112 11.26 6.64 16.41
CA HIS A 112 11.08 7.90 15.71
C HIS A 112 9.72 7.98 15.03
N TRP A 113 9.21 6.84 14.56
CA TRP A 113 7.89 6.83 13.92
C TRP A 113 6.77 6.88 14.95
N ALA A 114 6.97 6.20 16.09
CA ALA A 114 5.96 6.22 17.15
C ALA A 114 5.89 7.58 17.82
N LYS A 115 7.02 8.28 17.93
CA LYS A 115 7.00 9.63 18.48
C LYS A 115 6.20 10.57 17.60
N ARG A 116 6.32 10.42 16.28
CA ARG A 116 5.60 11.29 15.35
C ARG A 116 4.16 10.82 15.12
N ASN A 117 3.83 9.58 15.47
CA ASN A 117 2.49 9.03 15.25
C ASN A 117 2.01 8.28 16.49
N PRO A 118 1.98 8.95 17.65
CA PRO A 118 1.71 8.23 18.90
C PRO A 118 0.32 7.62 18.97
N GLU A 119 -0.65 8.16 18.22
CA GLU A 119 -2.00 7.60 18.24
C GLU A 119 -2.06 6.23 17.55
N ARG A 120 -1.13 5.94 16.64
CA ARG A 120 -1.20 4.73 15.83
C ARG A 120 -0.34 3.59 16.37
N VAL A 121 0.19 3.73 17.59
CA VAL A 121 1.06 2.73 18.19
C VAL A 121 0.42 2.27 19.50
N LYS A 122 0.00 1.00 19.53
CA LYS A 122 -0.67 0.41 20.69
C LYS A 122 0.29 -0.28 21.64
N GLY A 123 1.56 -0.40 21.28
CA GLY A 123 2.52 -1.05 22.15
C GLY A 123 3.84 -1.19 21.47
N ILE A 124 4.92 -1.32 22.24
CA ILE A 124 6.26 -1.41 21.68
C ILE A 124 7.03 -2.48 22.43
N ALA A 125 7.42 -3.54 21.73
CA ALA A 125 8.40 -4.49 22.23
C ALA A 125 9.74 -4.16 21.60
N PHE A 126 10.77 -3.97 22.42
CA PHE A 126 12.06 -3.51 21.93
C PHE A 126 13.19 -4.17 22.72
N MET A 127 14.33 -4.32 22.06
CA MET A 127 15.47 -5.01 22.62
C MET A 127 16.74 -4.46 21.97
N GLU A 128 17.80 -4.35 22.78
CA GLU A 128 19.10 -3.86 22.33
C GLU A 128 18.96 -2.69 21.35
N PHE A 129 18.35 -1.63 21.86
CA PHE A 129 17.92 -0.50 21.07
C PHE A 129 18.92 0.66 21.19
N ILE A 130 18.71 1.67 20.35
CA ILE A 130 19.65 2.77 20.24
C ILE A 130 19.26 3.89 21.20
N ARG A 131 20.19 4.27 22.05
CA ARG A 131 20.07 5.36 23.00
C ARG A 131 21.31 6.23 22.88
N PRO A 132 21.29 7.44 23.43
CA PRO A 132 22.50 8.28 23.39
C PRO A 132 23.62 7.65 24.21
N ILE A 133 24.76 7.43 23.56
CA ILE A 133 25.98 7.00 24.24
C ILE A 133 26.77 8.26 24.59
N PRO A 134 26.73 8.72 25.84
CA PRO A 134 27.33 10.03 26.16
C PRO A 134 28.83 10.10 25.89
N THR A 135 29.59 9.10 26.31
CA THR A 135 31.02 9.03 26.07
C THR A 135 31.38 7.64 25.57
N TRP A 136 32.61 7.50 25.05
CA TRP A 136 33.08 6.19 24.63
C TRP A 136 33.26 5.21 25.79
N ASP A 137 33.27 5.70 27.03
CA ASP A 137 33.32 4.79 28.18
C ASP A 137 32.05 3.96 28.27
N GLU A 138 30.91 4.49 27.85
CA GLU A 138 29.66 3.74 27.84
C GLU A 138 29.58 2.74 26.69
N TRP A 139 30.57 2.68 25.82
CA TRP A 139 30.60 1.61 24.84
C TRP A 139 31.47 0.46 25.35
N PRO A 140 31.08 -0.80 25.11
CA PRO A 140 31.83 -1.93 25.68
C PRO A 140 33.31 -1.92 25.29
N GLU A 141 34.17 -2.18 26.30
CA GLU A 141 35.61 -2.09 26.08
C GLU A 141 36.07 -3.06 25.00
N PHE A 142 35.53 -4.27 24.98
CA PHE A 142 35.99 -5.30 24.06
C PHE A 142 35.70 -4.96 22.59
N ALA A 143 34.79 -4.03 22.32
CA ALA A 143 34.45 -3.65 20.96
C ALA A 143 34.74 -2.18 20.67
N ARG A 144 35.52 -1.52 21.52
CA ARG A 144 35.62 -0.06 21.48
C ARG A 144 36.50 0.41 20.33
N GLU A 145 37.75 -0.06 20.28
CA GLU A 145 38.68 0.41 19.25
C GLU A 145 38.19 0.10 17.84
N THR A 146 37.53 -1.05 17.67
CA THR A 146 37.06 -1.43 16.34
C THR A 146 35.93 -0.51 15.87
N PHE A 147 35.04 -0.12 16.79
CA PHE A 147 33.98 0.80 16.41
C PHE A 147 34.52 2.22 16.23
N GLN A 148 35.57 2.60 16.97
CA GLN A 148 36.24 3.85 16.68
C GLN A 148 36.86 3.82 15.29
N ALA A 149 37.40 2.65 14.90
CA ALA A 149 37.95 2.51 13.56
C ALA A 149 36.84 2.47 12.51
N PHE A 150 35.70 1.86 12.86
CA PHE A 150 34.56 1.81 11.94
C PHE A 150 34.13 3.21 11.54
N ARG A 151 34.18 4.16 12.47
CA ARG A 151 33.71 5.52 12.24
C ARG A 151 34.80 6.41 11.61
N THR A 152 35.43 5.88 10.55
CA THR A 152 36.36 6.63 9.72
C THR A 152 36.15 6.20 8.27
N THR A 153 36.54 7.07 7.34
CA THR A 153 36.32 6.78 5.93
C THR A 153 37.47 6.01 5.29
N ASP A 154 38.59 5.84 5.97
CA ASP A 154 39.68 5.06 5.40
C ASP A 154 39.73 3.67 6.01
N VAL A 155 40.04 3.57 7.31
CA VAL A 155 40.10 2.27 7.96
C VAL A 155 38.70 1.67 8.08
N GLY A 156 37.70 2.49 8.38
CA GLY A 156 36.35 1.99 8.57
C GLY A 156 35.78 1.35 7.31
N ARG A 157 35.91 2.04 6.17
CA ARG A 157 35.38 1.50 4.92
C ARG A 157 36.20 0.30 4.47
N LYS A 158 37.53 0.34 4.66
CA LYS A 158 38.36 -0.80 4.30
C LYS A 158 37.91 -2.07 5.02
N LEU A 159 37.62 -1.97 6.32
CA LEU A 159 37.19 -3.13 7.08
C LEU A 159 35.81 -3.61 6.65
N ILE A 160 34.83 -2.70 6.61
CA ILE A 160 33.43 -3.07 6.42
C ILE A 160 33.10 -3.24 4.93
N ILE A 161 33.47 -2.29 4.09
CA ILE A 161 33.11 -2.36 2.67
C ILE A 161 33.96 -3.40 1.94
N ASP A 162 35.29 -3.31 2.08
CA ASP A 162 36.21 -4.14 1.30
C ASP A 162 36.37 -5.54 1.91
N GLN A 163 36.51 -5.63 3.23
CA GLN A 163 36.79 -6.89 3.88
C GLN A 163 35.57 -7.53 4.55
N ASN A 164 34.44 -6.81 4.61
CA ASN A 164 33.17 -7.35 5.10
C ASN A 164 33.28 -7.80 6.56
N VAL A 165 34.06 -7.06 7.35
CA VAL A 165 34.28 -7.44 8.75
C VAL A 165 32.98 -7.42 9.54
N PHE A 166 32.04 -6.53 9.19
CA PHE A 166 30.82 -6.43 9.99
C PHE A 166 29.97 -7.70 9.90
N ILE A 167 30.05 -8.42 8.79
CA ILE A 167 29.32 -9.68 8.63
C ILE A 167 30.14 -10.85 9.17
N GLU A 168 31.44 -10.90 8.90
CA GLU A 168 32.24 -12.07 9.24
C GLU A 168 32.70 -12.07 10.68
N GLY A 169 32.80 -10.91 11.32
CA GLY A 169 33.30 -10.84 12.69
C GLY A 169 32.38 -10.13 13.65
N THR A 170 31.86 -8.97 13.25
CA THR A 170 31.03 -8.17 14.16
C THR A 170 29.71 -8.86 14.45
N LEU A 171 29.11 -9.48 13.44
CA LEU A 171 27.85 -10.18 13.65
C LEU A 171 27.99 -11.40 14.56
N PRO A 172 28.96 -12.30 14.35
CA PRO A 172 29.12 -13.39 15.33
C PRO A 172 29.48 -12.90 16.72
N MET A 173 30.19 -11.79 16.84
CA MET A 173 30.52 -11.26 18.15
C MET A 173 29.36 -10.51 18.78
N GLY A 174 28.24 -10.39 18.08
CA GLY A 174 27.01 -9.93 18.67
C GLY A 174 26.11 -11.03 19.17
N VAL A 175 26.56 -12.29 19.09
CA VAL A 175 25.78 -13.45 19.52
C VAL A 175 26.64 -14.30 20.44
N VAL A 176 26.04 -14.77 21.54
CA VAL A 176 26.80 -15.58 22.50
C VAL A 176 27.02 -16.99 21.94
N ARG A 177 25.92 -17.70 21.67
CA ARG A 177 26.04 -19.04 21.11
C ARG A 177 26.58 -18.99 19.68
N PRO A 178 27.22 -20.06 19.21
CA PRO A 178 27.80 -20.02 17.87
C PRO A 178 26.73 -20.13 16.79
N LEU A 179 27.01 -19.50 15.65
CA LEU A 179 26.12 -19.48 14.51
C LEU A 179 26.56 -20.53 13.50
N THR A 180 25.61 -21.31 13.01
CA THR A 180 25.93 -22.35 12.04
C THR A 180 26.32 -21.73 10.70
N GLU A 181 26.84 -22.57 9.82
CA GLU A 181 27.21 -22.11 8.47
C GLU A 181 25.97 -21.67 7.69
N VAL A 182 24.87 -22.42 7.80
CA VAL A 182 23.64 -22.04 7.11
C VAL A 182 23.16 -20.67 7.57
N GLU A 183 23.18 -20.43 8.89
CA GLU A 183 22.80 -19.12 9.41
C GLU A 183 23.71 -18.01 8.89
N MET A 184 25.02 -18.27 8.85
CA MET A 184 25.95 -17.26 8.35
C MET A 184 25.70 -16.95 6.88
N ASP A 185 25.39 -17.97 6.08
CA ASP A 185 25.16 -17.75 4.66
C ASP A 185 23.91 -16.92 4.41
N HIS A 186 22.88 -17.08 5.25
CA HIS A 186 21.70 -16.23 5.12
C HIS A 186 22.05 -14.77 5.37
N TYR A 187 22.84 -14.50 6.41
CA TYR A 187 23.26 -13.14 6.71
C TYR A 187 24.23 -12.58 5.68
N ARG A 188 24.98 -13.44 4.99
CA ARG A 188 25.90 -13.00 3.94
C ARG A 188 25.21 -12.68 2.63
N GLU A 189 24.03 -13.26 2.38
CA GLU A 189 23.46 -13.26 1.04
C GLU A 189 23.26 -11.88 0.43
N PRO A 190 22.76 -10.86 1.14
CA PRO A 190 22.57 -9.55 0.50
C PRO A 190 23.85 -8.73 0.34
N PHE A 191 25.01 -9.25 0.76
CA PHE A 191 26.22 -8.44 0.84
C PHE A 191 27.42 -9.16 0.22
N LEU A 192 27.16 -10.06 -0.73
CA LEU A 192 28.26 -10.74 -1.42
C LEU A 192 29.15 -9.75 -2.17
N ASN A 193 28.59 -8.65 -2.66
CA ASN A 193 29.41 -7.66 -3.34
C ASN A 193 29.67 -6.46 -2.43
N PRO A 194 30.92 -5.99 -2.38
CA PRO A 194 31.25 -4.84 -1.51
C PRO A 194 30.38 -3.62 -1.72
N VAL A 195 29.80 -3.43 -2.92
CA VAL A 195 28.93 -2.28 -3.15
C VAL A 195 27.76 -2.31 -2.18
N ASP A 196 27.18 -3.49 -1.96
CA ASP A 196 25.95 -3.63 -1.19
C ASP A 196 26.16 -3.37 0.28
N ARG A 197 27.38 -3.07 0.71
CA ARG A 197 27.73 -2.96 2.12
C ARG A 197 27.71 -1.54 2.63
N GLU A 198 27.38 -0.58 1.77
CA GLU A 198 27.25 0.81 2.21
C GLU A 198 26.39 1.00 3.46
N PRO A 199 25.22 0.38 3.60
CA PRO A 199 24.47 0.56 4.85
C PRO A 199 25.16 -0.06 6.05
N LEU A 200 25.95 -1.12 5.84
CA LEU A 200 26.69 -1.73 6.94
C LEU A 200 27.71 -0.78 7.55
N TRP A 201 28.15 0.22 6.80
CA TRP A 201 29.13 1.18 7.29
C TRP A 201 28.50 2.51 7.70
N ARG A 202 27.44 2.95 7.02
CA ARG A 202 26.79 4.19 7.42
C ARG A 202 26.06 4.03 8.75
N PHE A 203 25.50 2.85 9.02
CA PHE A 203 24.78 2.63 10.28
C PHE A 203 25.67 2.84 11.50
N PRO A 204 26.82 2.15 11.65
CA PRO A 204 27.67 2.45 12.81
C PRO A 204 28.23 3.86 12.79
N ASN A 205 28.35 4.48 11.61
CA ASN A 205 28.75 5.88 11.58
C ASN A 205 27.62 6.83 11.95
N GLU A 206 26.37 6.35 12.01
CA GLU A 206 25.26 7.17 12.48
C GLU A 206 25.00 7.01 13.97
N LEU A 207 25.67 6.06 14.64
CA LEU A 207 25.42 5.81 16.05
C LEU A 207 25.64 7.08 16.86
N PRO A 208 24.72 7.44 17.76
CA PRO A 208 24.94 8.64 18.60
C PRO A 208 25.91 8.38 19.74
N ILE A 209 27.19 8.58 19.47
CA ILE A 209 28.25 8.37 20.45
C ILE A 209 29.04 9.66 20.59
N ALA A 210 29.14 10.16 21.83
CA ALA A 210 29.94 11.35 22.14
C ALA A 210 29.53 12.54 21.28
N GLY A 211 28.22 12.74 21.13
CA GLY A 211 27.69 13.92 20.48
C GLY A 211 27.68 13.89 18.97
N GLU A 212 28.30 12.89 18.34
CA GLU A 212 28.34 12.88 16.89
C GLU A 212 27.69 11.61 16.35
N PRO A 213 26.87 11.71 15.29
CA PRO A 213 26.48 12.98 14.63
C PRO A 213 25.49 13.77 15.47
N ALA A 214 25.60 15.11 15.41
CA ALA A 214 24.77 15.95 16.26
C ALA A 214 23.29 15.75 15.96
N ASN A 215 22.94 15.55 14.69
CA ASN A 215 21.54 15.44 14.32
C ASN A 215 20.92 14.15 14.87
N ILE A 216 21.67 13.04 14.84
CA ILE A 216 21.15 11.78 15.36
C ILE A 216 21.03 11.85 16.88
N VAL A 217 21.99 12.49 17.55
CA VAL A 217 21.92 12.64 19.00
C VAL A 217 20.65 13.38 19.40
N ALA A 218 20.32 14.47 18.68
CA ALA A 218 19.10 15.20 19.00
C ALA A 218 17.86 14.34 18.73
N LEU A 219 17.84 13.66 17.58
CA LEU A 219 16.69 12.84 17.21
C LEU A 219 16.44 11.74 18.23
N VAL A 220 17.50 11.07 18.69
CA VAL A 220 17.33 9.96 19.61
C VAL A 220 16.95 10.47 20.99
N GLU A 221 17.55 11.58 21.43
CA GLU A 221 17.18 12.17 22.71
C GLU A 221 15.72 12.63 22.72
N GLU A 222 15.19 12.99 21.55
CA GLU A 222 13.78 13.37 21.48
C GLU A 222 12.88 12.18 21.77
N TYR A 223 13.06 11.08 21.03
CA TYR A 223 12.19 9.94 21.30
C TYR A 223 12.48 9.28 22.64
N MET A 224 13.69 9.45 23.19
CA MET A 224 13.91 8.97 24.56
C MET A 224 13.12 9.82 25.56
N ASP A 225 13.03 11.14 25.33
CA ASP A 225 12.23 11.99 26.18
C ASP A 225 10.75 11.66 26.07
N TRP A 226 10.28 11.32 24.86
CA TRP A 226 8.89 10.90 24.70
C TRP A 226 8.65 9.56 25.38
N LEU A 227 9.62 8.65 25.29
CA LEU A 227 9.49 7.33 25.91
C LEU A 227 9.40 7.42 27.42
N HIS A 228 10.08 8.40 28.03
CA HIS A 228 10.06 8.55 29.48
C HIS A 228 8.75 9.14 30.00
N GLN A 229 7.88 9.62 29.13
CA GLN A 229 6.61 10.21 29.57
C GLN A 229 5.39 9.50 29.01
N SER A 230 5.46 8.95 27.81
CA SER A 230 4.28 8.40 27.16
C SER A 230 3.80 7.14 27.88
N PRO A 231 2.49 6.94 27.97
CA PRO A 231 1.94 5.71 28.57
C PRO A 231 1.83 4.53 27.64
N VAL A 232 2.44 4.58 26.46
CA VAL A 232 2.32 3.46 25.51
C VAL A 232 2.87 2.20 26.17
N PRO A 233 2.20 1.05 26.07
CA PRO A 233 2.73 -0.17 26.70
C PRO A 233 4.10 -0.54 26.15
N LYS A 234 5.01 -0.88 27.04
CA LYS A 234 6.40 -1.12 26.67
C LYS A 234 6.87 -2.48 27.18
N LEU A 235 7.53 -3.23 26.30
CA LEU A 235 8.11 -4.52 26.64
C LEU A 235 9.58 -4.50 26.23
N LEU A 236 10.47 -4.69 27.20
CA LEU A 236 11.91 -4.57 26.99
C LEU A 236 12.58 -5.90 27.28
N PHE A 237 13.33 -6.41 26.29
CA PHE A 237 14.15 -7.59 26.48
C PHE A 237 15.61 -7.17 26.61
N TRP A 238 16.34 -7.85 27.48
CA TRP A 238 17.74 -7.54 27.70
C TRP A 238 18.47 -8.79 28.14
N GLY A 239 19.78 -8.81 27.88
CA GLY A 239 20.62 -9.93 28.24
C GLY A 239 21.93 -9.45 28.84
N THR A 240 22.72 -10.41 29.29
CA THR A 240 23.99 -10.13 29.95
C THR A 240 25.13 -10.67 29.10
N PRO A 241 26.14 -9.85 28.76
CA PRO A 241 26.28 -8.46 29.20
C PRO A 241 25.62 -7.45 28.27
N GLY A 242 25.09 -7.91 27.13
CA GLY A 242 24.53 -7.01 26.14
C GLY A 242 25.62 -6.18 25.47
N VAL A 243 25.17 -5.29 24.59
CA VAL A 243 26.08 -4.39 23.88
C VAL A 243 25.58 -2.96 24.03
N LEU A 244 24.45 -2.65 23.38
CA LEU A 244 23.87 -1.33 23.47
C LEU A 244 23.20 -1.07 24.82
N ILE A 245 22.61 -2.10 25.43
CA ILE A 245 21.88 -1.97 26.67
C ILE A 245 22.54 -2.87 27.71
N PRO A 246 23.38 -2.33 28.59
CA PRO A 246 23.94 -3.13 29.68
C PRO A 246 22.88 -3.41 30.74
N PRO A 247 23.09 -4.43 31.58
CA PRO A 247 22.05 -4.78 32.56
C PRO A 247 21.67 -3.65 33.51
N ALA A 248 22.64 -2.81 33.90
CA ALA A 248 22.33 -1.69 34.78
C ALA A 248 21.43 -0.67 34.09
N GLU A 249 21.64 -0.46 32.80
CA GLU A 249 20.77 0.44 32.04
C GLU A 249 19.36 -0.14 31.92
N ALA A 250 19.26 -1.44 31.64
CA ALA A 250 17.95 -2.08 31.56
C ALA A 250 17.20 -1.99 32.89
N ALA A 251 17.92 -2.07 34.01
CA ALA A 251 17.27 -1.91 35.31
C ALA A 251 16.78 -0.49 35.51
N ARG A 252 17.60 0.50 35.15
CA ARG A 252 17.16 1.89 35.23
C ARG A 252 15.91 2.12 34.38
N LEU A 253 15.95 1.68 33.12
CA LEU A 253 14.82 1.90 32.23
C LEU A 253 13.56 1.21 32.74
N ALA A 254 13.71 0.06 33.40
CA ALA A 254 12.54 -0.68 33.89
C ALA A 254 11.79 0.08 34.97
N LYS A 255 12.44 1.03 35.65
CA LYS A 255 11.77 1.81 36.68
C LYS A 255 11.30 3.17 36.18
N SER A 256 11.98 3.73 35.18
CA SER A 256 11.72 5.09 34.74
C SER A 256 10.81 5.18 33.51
N LEU A 257 10.61 4.09 32.79
CA LEU A 257 9.68 4.17 31.67
C LEU A 257 8.28 3.73 32.11
N PRO A 258 7.25 4.52 31.84
CA PRO A 258 5.90 4.14 32.26
C PRO A 258 5.40 2.88 31.55
N ASN A 259 4.64 2.07 32.29
CA ASN A 259 3.98 0.87 31.76
C ASN A 259 4.96 -0.02 31.01
N CYS A 260 6.06 -0.36 31.68
CA CYS A 260 7.15 -1.08 31.05
C CYS A 260 7.39 -2.39 31.78
N LYS A 261 7.48 -3.48 31.03
CA LYS A 261 7.83 -4.78 31.57
C LYS A 261 9.19 -5.20 31.01
N ALA A 262 10.12 -5.54 31.90
CA ALA A 262 11.46 -5.95 31.52
C ALA A 262 11.60 -7.47 31.68
N VAL A 263 12.22 -8.11 30.69
CA VAL A 263 12.38 -9.56 30.66
C VAL A 263 13.85 -9.88 30.45
N ASP A 264 14.49 -10.48 31.44
CA ASP A 264 15.84 -10.99 31.31
C ASP A 264 15.82 -12.26 30.46
N ILE A 265 16.63 -12.29 29.40
CA ILE A 265 16.66 -13.44 28.50
C ILE A 265 17.85 -14.36 28.77
N GLY A 266 18.68 -14.04 29.74
CA GLY A 266 19.86 -14.82 30.03
C GLY A 266 21.10 -14.22 29.43
N PRO A 267 22.06 -15.08 29.04
CA PRO A 267 23.24 -14.57 28.32
C PRO A 267 22.85 -13.97 26.99
N GLY A 268 23.50 -12.86 26.64
CA GLY A 268 23.14 -12.15 25.43
C GLY A 268 24.04 -10.98 25.11
N LEU A 269 24.26 -10.74 23.80
CA LEU A 269 25.07 -9.63 23.34
C LEU A 269 24.16 -8.65 22.63
N ASN A 270 24.14 -8.60 21.29
CA ASN A 270 23.29 -7.68 20.55
C ASN A 270 22.08 -8.36 19.93
N LEU A 271 22.28 -9.47 19.22
CA LEU A 271 21.19 -10.20 18.58
C LEU A 271 20.57 -11.14 19.60
N LEU A 272 19.79 -10.56 20.52
CA LEU A 272 19.09 -11.36 21.52
C LEU A 272 18.20 -12.41 20.88
N GLN A 273 17.66 -12.12 19.69
CA GLN A 273 16.80 -13.08 19.01
C GLN A 273 17.50 -14.41 18.78
N GLU A 274 18.82 -14.39 18.63
CA GLU A 274 19.57 -15.59 18.31
C GLU A 274 20.01 -16.39 19.53
N ASP A 275 19.93 -15.78 20.72
CA ASP A 275 20.33 -16.47 21.96
C ASP A 275 19.16 -17.05 22.73
N ASN A 276 17.97 -16.47 22.59
CA ASN A 276 16.80 -17.01 23.28
C ASN A 276 15.53 -16.66 22.51
N PRO A 277 15.32 -17.21 21.30
CA PRO A 277 14.13 -16.81 20.54
C PRO A 277 12.84 -17.33 21.14
N ASP A 278 12.87 -18.44 21.88
CA ASP A 278 11.64 -18.99 22.43
C ASP A 278 11.09 -18.11 23.55
N LEU A 279 11.97 -17.63 24.43
CA LEU A 279 11.52 -16.73 25.49
C LEU A 279 11.02 -15.41 24.91
N ILE A 280 11.71 -14.88 23.90
CA ILE A 280 11.28 -13.61 23.32
C ILE A 280 9.93 -13.77 22.63
N GLY A 281 9.79 -14.80 21.80
CA GLY A 281 8.54 -14.98 21.07
C GLY A 281 7.36 -15.28 21.99
N SER A 282 7.56 -16.17 22.96
CA SER A 282 6.45 -16.55 23.82
C SER A 282 6.09 -15.46 24.83
N GLU A 283 7.03 -14.54 25.13
CA GLU A 283 6.71 -13.41 25.98
C GLU A 283 5.99 -12.31 25.21
N ILE A 284 6.37 -12.08 23.95
CA ILE A 284 5.64 -11.14 23.12
C ILE A 284 4.21 -11.62 22.91
N ALA A 285 4.03 -12.92 22.68
CA ALA A 285 2.69 -13.47 22.49
C ALA A 285 1.83 -13.27 23.74
N ARG A 286 2.39 -13.56 24.92
CA ARG A 286 1.67 -13.36 26.16
C ARG A 286 1.36 -11.90 26.42
N TRP A 287 2.27 -11.01 26.02
CA TRP A 287 2.12 -9.57 26.28
C TRP A 287 1.07 -8.93 25.39
N LEU A 288 0.85 -9.46 24.18
CA LEU A 288 -0.13 -8.87 23.27
C LEU A 288 -1.55 -9.00 23.80
N SER A 289 -1.81 -10.02 24.62
CA SER A 289 -3.16 -10.18 25.17
C SER A 289 -3.47 -9.10 26.20
N THR A 290 -2.45 -8.55 26.85
CA THR A 290 -2.66 -7.48 27.83
C THR A 290 -2.88 -6.12 27.19
N LEU A 291 -2.94 -6.05 25.86
CA LEU A 291 -3.18 -4.80 25.15
C LEU A 291 -4.61 -4.81 24.59
N GLU A 292 -5.15 -3.62 24.38
CA GLU A 292 -6.49 -3.48 23.81
C GLU A 292 -6.33 -3.27 22.31
N ILE A 293 -6.18 -4.39 21.60
CA ILE A 293 -5.93 -4.39 20.16
C ILE A 293 -6.94 -5.26 19.45
N GLY B 1 7.88 0.48 -14.95
CA GLY B 1 6.68 -0.35 -14.94
C GLY B 1 5.43 0.45 -14.65
N ILE B 2 4.30 -0.24 -14.56
CA ILE B 2 3.02 0.43 -14.29
C ILE B 2 2.90 0.71 -12.79
N GLY B 3 2.60 1.96 -12.45
CA GLY B 3 2.62 2.36 -11.06
C GLY B 3 1.57 1.64 -10.23
N THR B 4 1.94 1.34 -8.98
CA THR B 4 1.06 0.67 -8.03
C THR B 4 0.64 1.56 -6.87
N GLY B 5 1.32 2.69 -6.66
CA GLY B 5 1.01 3.54 -5.55
C GLY B 5 -0.16 4.47 -5.81
N PHE B 6 -0.73 4.96 -4.71
CA PHE B 6 -1.86 5.90 -4.73
C PHE B 6 -1.43 7.10 -3.91
N PRO B 7 -0.69 8.04 -4.51
CA PRO B 7 -0.05 9.11 -3.73
C PRO B 7 -0.95 10.31 -3.46
N PHE B 8 -2.23 10.26 -3.81
CA PHE B 8 -3.06 11.44 -3.77
C PHE B 8 -3.51 11.77 -2.35
N ASP B 9 -3.44 13.05 -2.01
CA ASP B 9 -3.96 13.51 -0.73
C ASP B 9 -5.48 13.30 -0.69
N PRO B 10 -6.03 12.90 0.44
CA PRO B 10 -7.47 12.63 0.52
C PRO B 10 -8.28 13.91 0.67
N HIS B 11 -9.38 13.97 -0.08
CA HIS B 11 -10.37 15.02 0.04
C HIS B 11 -11.74 14.39 0.28
N TYR B 12 -12.58 15.07 1.06
CA TYR B 12 -13.90 14.58 1.40
C TYR B 12 -14.91 15.71 1.30
N VAL B 13 -16.13 15.36 0.90
CA VAL B 13 -17.25 16.30 0.90
C VAL B 13 -18.50 15.57 1.36
N GLU B 14 -19.28 16.22 2.23
CA GLU B 14 -20.48 15.62 2.77
C GLU B 14 -21.58 15.68 1.72
N VAL B 15 -22.07 14.51 1.30
CA VAL B 15 -23.01 14.38 0.19
C VAL B 15 -24.19 13.56 0.67
N LEU B 16 -25.35 14.20 0.81
CA LEU B 16 -26.58 13.54 1.26
C LEU B 16 -26.36 12.83 2.61
N GLY B 17 -25.62 13.48 3.50
CA GLY B 17 -25.35 12.93 4.81
C GLY B 17 -24.21 11.94 4.87
N GLU B 18 -23.57 11.65 3.74
CA GLU B 18 -22.45 10.71 3.69
C GLU B 18 -21.18 11.43 3.25
N ARG B 19 -20.04 10.93 3.71
CA ARG B 19 -18.76 11.42 3.24
C ARG B 19 -18.38 10.70 1.96
N MET B 20 -17.95 11.45 0.96
CA MET B 20 -17.44 10.89 -0.28
C MET B 20 -16.00 11.34 -0.47
N HIS B 21 -15.12 10.37 -0.71
CA HIS B 21 -13.71 10.66 -0.96
C HIS B 21 -13.51 10.96 -2.44
N TYR B 22 -12.57 11.85 -2.72
CA TYR B 22 -12.25 12.18 -4.10
C TYR B 22 -10.84 12.71 -4.19
N VAL B 23 -10.15 12.34 -5.26
CA VAL B 23 -8.89 12.96 -5.65
C VAL B 23 -9.16 14.33 -6.23
N ASP B 24 -8.26 15.28 -5.98
CA ASP B 24 -8.40 16.63 -6.53
C ASP B 24 -6.99 17.21 -6.69
N VAL B 25 -6.45 17.12 -7.91
CA VAL B 25 -5.14 17.65 -8.23
C VAL B 25 -5.24 18.54 -9.46
N GLY B 26 -4.13 19.18 -9.80
CA GLY B 26 -4.07 20.04 -10.97
C GLY B 26 -4.29 21.50 -10.63
N PRO B 27 -4.22 22.37 -11.63
CA PRO B 27 -4.45 23.80 -11.41
C PRO B 27 -5.90 24.07 -11.04
N ARG B 28 -6.11 25.20 -10.36
CA ARG B 28 -7.42 25.51 -9.82
C ARG B 28 -8.37 26.15 -10.83
N ASP B 29 -7.84 26.90 -11.81
CA ASP B 29 -8.69 27.52 -12.82
C ASP B 29 -8.81 26.60 -14.04
N GLY B 30 -9.60 27.04 -15.02
CA GLY B 30 -9.85 26.24 -16.20
C GLY B 30 -10.94 25.21 -15.98
N THR B 31 -11.29 24.52 -17.05
CA THR B 31 -12.32 23.50 -16.98
C THR B 31 -11.77 22.26 -16.30
N PRO B 32 -12.44 21.72 -15.28
CA PRO B 32 -11.98 20.50 -14.64
C PRO B 32 -12.31 19.27 -15.47
N VAL B 33 -11.59 18.19 -15.18
CA VAL B 33 -11.81 16.89 -15.81
C VAL B 33 -12.32 15.94 -14.73
N LEU B 34 -13.52 15.39 -14.94
CA LEU B 34 -14.17 14.54 -13.97
C LEU B 34 -13.99 13.08 -14.37
N PHE B 35 -13.31 12.31 -13.52
CA PHE B 35 -13.04 10.90 -13.75
C PHE B 35 -14.02 10.06 -12.93
N LEU B 36 -14.75 9.18 -13.61
CA LEU B 36 -15.76 8.35 -12.95
C LEU B 36 -15.40 6.87 -13.16
N HIS B 37 -15.11 6.18 -12.08
CA HIS B 37 -14.79 4.77 -12.10
C HIS B 37 -16.06 3.93 -12.05
N GLY B 38 -15.92 2.65 -12.37
CA GLY B 38 -17.03 1.73 -12.29
C GLY B 38 -16.80 0.64 -11.26
N ASN B 39 -17.32 -0.55 -11.53
CA ASN B 39 -17.31 -1.76 -10.71
C ASN B 39 -16.22 -2.70 -11.17
N PRO B 40 -15.39 -3.28 -10.28
CA PRO B 40 -15.38 -3.09 -8.82
C PRO B 40 -14.24 -2.20 -8.37
N THR B 41 -14.05 -1.08 -9.04
CA THR B 41 -12.84 -0.30 -8.85
C THR B 41 -13.12 0.91 -7.95
N SER B 42 -12.27 1.91 -8.03
CA SER B 42 -12.38 3.17 -7.29
C SER B 42 -11.56 4.20 -8.06
N SER B 43 -11.30 5.35 -7.44
CA SER B 43 -10.40 6.30 -8.07
C SER B 43 -9.00 5.73 -8.26
N TYR B 44 -8.69 4.61 -7.62
CA TYR B 44 -7.42 3.93 -7.84
C TYR B 44 -7.24 3.52 -9.30
N VAL B 45 -8.34 3.18 -10.00
CA VAL B 45 -8.22 2.78 -11.40
C VAL B 45 -7.71 3.92 -12.28
N TRP B 46 -7.78 5.17 -11.81
CA TRP B 46 -7.34 6.32 -12.58
C TRP B 46 -5.94 6.79 -12.18
N ARG B 47 -5.27 6.05 -11.29
CA ARG B 47 -4.05 6.55 -10.66
C ARG B 47 -2.94 6.84 -11.66
N ASN B 48 -2.87 6.08 -12.77
CA ASN B 48 -1.79 6.22 -13.73
C ASN B 48 -2.19 7.02 -14.96
N ILE B 49 -3.44 7.46 -15.05
CA ILE B 49 -3.90 8.29 -16.15
C ILE B 49 -3.99 9.75 -15.74
N ILE B 50 -4.40 9.99 -14.49
CA ILE B 50 -4.43 11.37 -13.98
C ILE B 50 -3.10 12.10 -14.16
N PRO B 51 -1.93 11.49 -13.89
CA PRO B 51 -0.68 12.26 -14.02
C PRO B 51 -0.38 12.81 -15.42
N HIS B 52 -1.04 12.29 -16.47
CA HIS B 52 -0.91 12.87 -17.81
C HIS B 52 -1.75 14.13 -17.97
N VAL B 53 -2.83 14.24 -17.21
CA VAL B 53 -3.75 15.35 -17.34
C VAL B 53 -3.52 16.41 -16.26
N ALA B 54 -3.07 16.01 -15.07
CA ALA B 54 -2.91 16.98 -13.98
C ALA B 54 -1.94 18.13 -14.25
N PRO B 55 -0.92 18.01 -15.13
CA PRO B 55 -0.05 19.19 -15.37
C PRO B 55 -0.81 20.42 -15.85
N THR B 56 -1.82 20.24 -16.69
CA THR B 56 -2.49 21.37 -17.33
C THR B 56 -3.95 21.54 -16.95
N HIS B 57 -4.58 20.57 -16.28
CA HIS B 57 -6.00 20.64 -15.97
C HIS B 57 -6.29 20.10 -14.58
N ARG B 58 -7.33 20.65 -13.96
CA ARG B 58 -7.81 20.11 -12.70
C ARG B 58 -8.41 18.73 -12.92
N CYS B 59 -8.03 17.79 -12.07
CA CYS B 59 -8.50 16.41 -12.14
C CYS B 59 -9.25 16.10 -10.85
N ILE B 60 -10.53 15.73 -11.00
CA ILE B 60 -11.37 15.31 -9.89
C ILE B 60 -11.81 13.88 -10.15
N ALA B 61 -11.56 13.00 -9.18
CA ALA B 61 -11.95 11.59 -9.29
C ALA B 61 -12.54 11.15 -7.96
N PRO B 62 -13.86 11.03 -7.87
CA PRO B 62 -14.49 10.55 -6.64
C PRO B 62 -14.57 9.03 -6.58
N ASP B 63 -14.69 8.53 -5.35
CA ASP B 63 -15.08 7.15 -5.12
C ASP B 63 -16.61 7.11 -4.99
N LEU B 64 -17.25 6.24 -5.78
CA LEU B 64 -18.69 6.09 -5.69
C LEU B 64 -19.08 5.71 -4.26
N ILE B 65 -20.29 6.10 -3.87
CA ILE B 65 -20.75 5.84 -2.51
C ILE B 65 -20.69 4.34 -2.23
N GLY B 66 -20.21 3.99 -1.03
CA GLY B 66 -19.99 2.61 -0.68
C GLY B 66 -18.79 1.96 -1.34
N MET B 67 -17.95 2.72 -2.01
CA MET B 67 -16.78 2.17 -2.67
C MET B 67 -15.56 3.05 -2.39
N GLY B 68 -14.38 2.51 -2.66
CA GLY B 68 -13.16 3.23 -2.36
C GLY B 68 -13.08 3.60 -0.88
N LYS B 69 -12.79 4.87 -0.62
CA LYS B 69 -12.68 5.41 0.72
C LYS B 69 -13.96 6.13 1.19
N SER B 70 -14.99 6.14 0.37
CA SER B 70 -16.24 6.79 0.74
C SER B 70 -16.99 5.98 1.79
N ASP B 71 -17.95 6.64 2.45
CA ASP B 71 -18.74 6.00 3.49
C ASP B 71 -19.60 4.89 2.90
N LYS B 72 -20.03 3.98 3.78
CA LYS B 72 -20.70 2.74 3.39
C LYS B 72 -22.07 2.64 4.06
N PRO B 73 -23.03 3.48 3.68
CA PRO B 73 -24.38 3.36 4.24
C PRO B 73 -25.03 2.06 3.80
N ASP B 74 -26.10 1.70 4.53
CA ASP B 74 -26.79 0.43 4.29
C ASP B 74 -27.91 0.62 3.27
N LEU B 75 -27.48 0.83 2.03
CA LEU B 75 -28.39 1.02 0.91
C LEU B 75 -28.38 -0.23 0.02
N GLY B 76 -29.33 -0.27 -0.91
CA GLY B 76 -29.31 -1.30 -1.93
C GLY B 76 -28.23 -1.10 -2.97
N TYR B 77 -27.70 0.11 -3.05
CA TYR B 77 -26.66 0.46 -4.03
C TYR B 77 -27.13 0.19 -5.45
N PHE B 78 -28.42 0.48 -5.70
CA PHE B 78 -28.96 0.51 -7.05
C PHE B 78 -28.32 1.64 -7.85
N PHE B 79 -28.47 1.57 -9.17
CA PHE B 79 -27.96 2.63 -10.01
C PHE B 79 -28.59 3.96 -9.69
N ASP B 80 -29.86 3.95 -9.26
CA ASP B 80 -30.53 5.18 -8.85
C ASP B 80 -29.90 5.78 -7.60
N ASP B 81 -29.37 4.94 -6.70
CA ASP B 81 -28.63 5.45 -5.56
C ASP B 81 -27.40 6.23 -6.00
N HIS B 82 -26.61 5.64 -6.90
CA HIS B 82 -25.39 6.30 -7.37
C HIS B 82 -25.70 7.55 -8.15
N VAL B 83 -26.86 7.61 -8.83
CA VAL B 83 -27.26 8.82 -9.53
C VAL B 83 -27.55 9.93 -8.53
N ARG B 84 -28.35 9.63 -7.51
CA ARG B 84 -28.65 10.62 -6.47
C ARG B 84 -27.37 11.17 -5.84
N PHE B 85 -26.39 10.30 -5.58
CA PHE B 85 -25.18 10.73 -4.90
C PHE B 85 -24.24 11.48 -5.83
N MET B 86 -24.06 11.00 -7.07
CA MET B 86 -23.16 11.68 -7.99
C MET B 86 -23.72 13.03 -8.43
N ASP B 87 -25.04 13.14 -8.60
CA ASP B 87 -25.65 14.45 -8.86
C ASP B 87 -25.29 15.42 -7.73
N ALA B 88 -25.45 14.97 -6.48
CA ALA B 88 -25.20 15.84 -5.33
C ALA B 88 -23.72 16.17 -5.19
N PHE B 89 -22.84 15.19 -5.48
CA PHE B 89 -21.40 15.44 -5.40
C PHE B 89 -20.98 16.56 -6.35
N ILE B 90 -21.52 16.56 -7.57
CA ILE B 90 -21.16 17.59 -8.54
C ILE B 90 -21.63 18.96 -8.08
N GLU B 91 -22.87 19.05 -7.58
CA GLU B 91 -23.35 20.33 -7.08
C GLU B 91 -22.59 20.76 -5.83
N ALA B 92 -22.22 19.80 -4.98
CA ALA B 92 -21.51 20.14 -3.74
C ALA B 92 -20.13 20.71 -4.04
N LEU B 93 -19.48 20.27 -5.11
CA LEU B 93 -18.18 20.81 -5.50
C LEU B 93 -18.31 22.09 -6.31
N GLY B 94 -19.52 22.54 -6.62
CA GLY B 94 -19.66 23.77 -7.36
C GLY B 94 -19.23 23.68 -8.81
N LEU B 95 -19.14 22.48 -9.36
CA LEU B 95 -18.73 22.33 -10.75
C LEU B 95 -19.76 22.96 -11.68
N GLU B 96 -19.27 23.68 -12.68
CA GLU B 96 -20.15 24.26 -13.69
C GLU B 96 -20.02 23.49 -14.99
N GLU B 97 -18.98 23.77 -15.77
CA GLU B 97 -18.67 23.03 -16.98
C GLU B 97 -17.56 22.03 -16.71
N VAL B 98 -17.63 20.86 -17.34
CA VAL B 98 -16.69 19.78 -17.08
C VAL B 98 -16.37 19.02 -18.36
N VAL B 99 -15.26 18.31 -18.33
CA VAL B 99 -14.95 17.24 -19.27
C VAL B 99 -15.08 15.92 -18.51
N LEU B 100 -15.67 14.91 -19.15
CA LEU B 100 -15.92 13.62 -18.51
C LEU B 100 -14.94 12.58 -19.03
N VAL B 101 -14.30 11.87 -18.11
CA VAL B 101 -13.55 10.65 -18.42
C VAL B 101 -14.19 9.53 -17.60
N ILE B 102 -14.84 8.60 -18.28
CA ILE B 102 -15.73 7.66 -17.61
C ILE B 102 -15.45 6.24 -18.08
N HIS B 103 -15.72 5.29 -17.18
CA HIS B 103 -15.43 3.88 -17.44
C HIS B 103 -16.44 3.01 -16.70
N ASP B 104 -16.88 1.94 -17.35
CA ASP B 104 -17.70 0.89 -16.73
C ASP B 104 -18.98 1.54 -16.20
N TRP B 105 -19.41 1.27 -14.97
CA TRP B 105 -20.63 1.87 -14.46
C TRP B 105 -20.50 3.38 -14.27
N GLY B 106 -19.28 3.89 -14.14
CA GLY B 106 -19.10 5.34 -14.12
C GLY B 106 -19.52 5.98 -15.43
N SER B 107 -19.44 5.23 -16.53
CA SER B 107 -19.86 5.74 -17.82
C SER B 107 -21.38 5.87 -17.90
N ALA B 108 -22.10 4.90 -17.34
CA ALA B 108 -23.56 5.06 -17.22
C ALA B 108 -23.90 6.29 -16.40
N LEU B 109 -23.19 6.50 -15.28
CA LEU B 109 -23.39 7.72 -14.50
C LEU B 109 -23.02 8.96 -15.31
N GLY B 110 -21.96 8.88 -16.10
CA GLY B 110 -21.51 10.05 -16.84
C GLY B 110 -22.43 10.40 -17.99
N PHE B 111 -22.82 9.40 -18.79
CA PHE B 111 -23.72 9.65 -19.90
C PHE B 111 -25.11 10.06 -19.43
N HIS B 112 -25.58 9.51 -18.29
CA HIS B 112 -26.91 9.88 -17.80
C HIS B 112 -26.92 11.30 -17.28
N TRP B 113 -25.82 11.75 -16.68
CA TRP B 113 -25.73 13.13 -16.22
C TRP B 113 -25.50 14.09 -17.38
N ALA B 114 -24.79 13.65 -18.41
CA ALA B 114 -24.53 14.51 -19.56
C ALA B 114 -25.80 14.71 -20.38
N LYS B 115 -26.58 13.63 -20.57
CA LYS B 115 -27.84 13.75 -21.31
C LYS B 115 -28.78 14.76 -20.66
N ARG B 116 -28.76 14.86 -19.32
CA ARG B 116 -29.60 15.81 -18.60
C ARG B 116 -28.97 17.19 -18.47
N ASN B 117 -27.67 17.31 -18.74
CA ASN B 117 -26.96 18.58 -18.59
C ASN B 117 -26.02 18.80 -19.76
N PRO B 118 -26.52 18.74 -21.00
CA PRO B 118 -25.60 18.81 -22.16
C PRO B 118 -24.86 20.13 -22.27
N GLU B 119 -25.37 21.20 -21.67
CA GLU B 119 -24.68 22.48 -21.73
C GLU B 119 -23.45 22.52 -20.84
N ARG B 120 -23.33 21.61 -19.88
CA ARG B 120 -22.22 21.62 -18.95
C ARG B 120 -21.15 20.60 -19.30
N VAL B 121 -21.26 19.96 -20.46
CA VAL B 121 -20.33 18.91 -20.88
C VAL B 121 -19.63 19.38 -22.15
N LYS B 122 -18.32 19.60 -22.05
CA LYS B 122 -17.52 20.04 -23.18
C LYS B 122 -16.81 18.90 -23.89
N GLY B 123 -16.97 17.66 -23.42
CA GLY B 123 -16.38 16.52 -24.08
C GLY B 123 -16.44 15.29 -23.21
N ILE B 124 -16.42 14.11 -23.83
CA ILE B 124 -16.53 12.85 -23.10
C ILE B 124 -15.48 11.88 -23.62
N ALA B 125 -14.62 11.40 -22.73
CA ALA B 125 -13.71 10.31 -23.03
C ALA B 125 -14.19 9.07 -22.28
N PHE B 126 -14.46 7.99 -23.00
CA PHE B 126 -15.06 6.81 -22.40
C PHE B 126 -14.39 5.56 -22.94
N MET B 127 -14.67 4.43 -22.29
CA MET B 127 -14.01 3.16 -22.55
C MET B 127 -14.77 2.08 -21.80
N GLU B 128 -14.96 0.93 -22.45
CA GLU B 128 -15.66 -0.21 -21.86
C GLU B 128 -16.89 0.24 -21.07
N PHE B 129 -17.86 0.81 -21.77
CA PHE B 129 -18.98 1.50 -21.14
C PHE B 129 -20.25 0.65 -21.21
N ILE B 130 -21.26 1.09 -20.46
CA ILE B 130 -22.53 0.37 -20.34
C ILE B 130 -23.40 0.69 -21.56
N ARG B 131 -23.65 -0.32 -22.39
CA ARG B 131 -24.61 -0.28 -23.48
C ARG B 131 -25.63 -1.39 -23.28
N PRO B 132 -26.78 -1.34 -23.97
CA PRO B 132 -27.73 -2.46 -23.86
C PRO B 132 -27.16 -3.72 -24.48
N ILE B 133 -27.22 -4.81 -23.73
CA ILE B 133 -26.84 -6.13 -24.23
C ILE B 133 -28.13 -6.87 -24.58
N PRO B 134 -28.48 -6.95 -25.87
CA PRO B 134 -29.83 -7.44 -26.22
C PRO B 134 -30.06 -8.90 -25.88
N THR B 135 -29.07 -9.76 -26.14
CA THR B 135 -29.16 -11.17 -25.80
C THR B 135 -27.91 -11.57 -25.04
N TRP B 136 -27.92 -12.79 -24.50
CA TRP B 136 -26.73 -13.29 -23.83
C TRP B 136 -25.61 -13.65 -24.81
N ASP B 137 -25.94 -13.84 -26.09
CA ASP B 137 -24.89 -14.09 -27.08
C ASP B 137 -24.00 -12.87 -27.28
N GLU B 138 -24.53 -11.67 -27.04
CA GLU B 138 -23.71 -10.47 -27.12
C GLU B 138 -22.84 -10.27 -25.90
N TRP B 139 -22.88 -11.19 -24.94
CA TRP B 139 -21.98 -11.19 -23.79
C TRP B 139 -20.87 -12.21 -24.02
N PRO B 140 -19.63 -11.87 -23.66
CA PRO B 140 -18.49 -12.75 -23.96
C PRO B 140 -18.70 -14.18 -23.47
N GLU B 141 -18.41 -15.13 -24.35
CA GLU B 141 -18.65 -16.53 -24.05
C GLU B 141 -17.89 -16.99 -22.81
N PHE B 142 -16.64 -16.54 -22.65
CA PHE B 142 -15.82 -16.97 -21.53
C PHE B 142 -16.33 -16.46 -20.19
N ALA B 143 -17.31 -15.56 -20.18
CA ALA B 143 -17.83 -15.00 -18.94
C ALA B 143 -19.34 -15.10 -18.85
N ARG B 144 -19.95 -15.93 -19.72
CA ARG B 144 -21.41 -15.94 -19.82
C ARG B 144 -22.05 -16.66 -18.64
N GLU B 145 -21.52 -17.84 -18.27
CA GLU B 145 -22.14 -18.59 -17.19
C GLU B 145 -21.93 -17.95 -15.83
N THR B 146 -20.76 -17.32 -15.62
CA THR B 146 -20.48 -16.72 -14.33
C THR B 146 -21.37 -15.51 -14.09
N PHE B 147 -21.64 -14.72 -15.13
CA PHE B 147 -22.52 -13.56 -14.98
C PHE B 147 -23.98 -13.95 -14.93
N GLN B 148 -24.35 -15.07 -15.56
CA GLN B 148 -25.69 -15.61 -15.35
C GLN B 148 -25.87 -16.08 -13.92
N ALA B 149 -24.84 -16.67 -13.33
CA ALA B 149 -24.89 -17.04 -11.92
C ALA B 149 -24.90 -15.81 -11.02
N PHE B 150 -24.15 -14.77 -11.41
CA PHE B 150 -24.09 -13.54 -10.64
C PHE B 150 -25.47 -12.90 -10.46
N ARG B 151 -26.31 -12.99 -11.48
CA ARG B 151 -27.62 -12.33 -11.45
C ARG B 151 -28.69 -13.21 -10.81
N THR B 152 -28.34 -13.80 -9.68
CA THR B 152 -29.28 -14.54 -8.84
C THR B 152 -29.00 -14.19 -7.39
N THR B 153 -30.01 -14.37 -6.53
CA THR B 153 -29.86 -14.01 -5.12
C THR B 153 -29.33 -15.15 -4.26
N ASP B 154 -29.18 -16.36 -4.81
CA ASP B 154 -28.59 -17.45 -4.03
C ASP B 154 -27.15 -17.71 -4.43
N VAL B 155 -26.92 -18.16 -5.67
CA VAL B 155 -25.56 -18.43 -6.11
C VAL B 155 -24.79 -17.12 -6.32
N GLY B 156 -25.45 -16.11 -6.89
CA GLY B 156 -24.77 -14.85 -7.14
C GLY B 156 -24.27 -14.18 -5.88
N ARG B 157 -25.10 -14.13 -4.84
CA ARG B 157 -24.65 -13.54 -3.59
C ARG B 157 -23.57 -14.39 -2.92
N LYS B 158 -23.71 -15.72 -2.97
CA LYS B 158 -22.69 -16.58 -2.37
C LYS B 158 -21.33 -16.36 -3.02
N LEU B 159 -21.30 -16.22 -4.35
CA LEU B 159 -20.04 -15.97 -5.03
C LEU B 159 -19.49 -14.59 -4.68
N ILE B 160 -20.31 -13.55 -4.79
CA ILE B 160 -19.81 -12.18 -4.71
C ILE B 160 -19.71 -11.70 -3.26
N ILE B 161 -20.74 -11.93 -2.45
CA ILE B 161 -20.73 -11.46 -1.07
C ILE B 161 -19.88 -12.36 -0.18
N ASP B 162 -20.14 -13.67 -0.22
CA ASP B 162 -19.52 -14.60 0.73
C ASP B 162 -18.10 -14.97 0.33
N GLN B 163 -17.85 -15.24 -0.95
CA GLN B 163 -16.55 -15.70 -1.42
C GLN B 163 -15.75 -14.61 -2.09
N ASN B 164 -16.35 -13.45 -2.36
CA ASN B 164 -15.66 -12.29 -2.94
C ASN B 164 -15.05 -12.62 -4.30
N VAL B 165 -15.75 -13.47 -5.06
CA VAL B 165 -15.26 -13.88 -6.39
C VAL B 165 -15.04 -12.66 -7.28
N PHE B 166 -15.90 -11.63 -7.16
CA PHE B 166 -15.82 -10.51 -8.09
C PHE B 166 -14.50 -9.74 -7.92
N ILE B 167 -13.92 -9.75 -6.73
CA ILE B 167 -12.63 -9.12 -6.48
C ILE B 167 -11.48 -10.09 -6.77
N GLU B 168 -11.59 -11.31 -6.26
CA GLU B 168 -10.49 -12.25 -6.42
C GLU B 168 -10.41 -12.80 -7.85
N GLY B 169 -11.54 -12.90 -8.54
CA GLY B 169 -11.56 -13.57 -9.82
C GLY B 169 -11.95 -12.68 -10.98
N THR B 170 -13.12 -12.04 -10.90
CA THR B 170 -13.63 -11.23 -12.00
C THR B 170 -12.71 -10.05 -12.29
N LEU B 171 -12.10 -9.47 -11.26
CA LEU B 171 -11.24 -8.31 -11.49
C LEU B 171 -9.97 -8.66 -12.24
N PRO B 172 -9.18 -9.68 -11.85
CA PRO B 172 -8.03 -10.04 -12.68
C PRO B 172 -8.41 -10.55 -14.06
N MET B 173 -9.61 -11.12 -14.22
CA MET B 173 -10.07 -11.54 -15.52
C MET B 173 -10.53 -10.38 -16.39
N GLY B 174 -10.52 -9.15 -15.84
CA GLY B 174 -10.73 -7.94 -16.61
C GLY B 174 -9.46 -7.21 -16.99
N VAL B 175 -8.29 -7.76 -16.65
CA VAL B 175 -7.01 -7.17 -16.99
C VAL B 175 -6.18 -8.25 -17.68
N VAL B 176 -5.59 -7.90 -18.83
CA VAL B 176 -4.79 -8.88 -19.57
C VAL B 176 -3.47 -9.15 -18.85
N ARG B 177 -2.73 -8.08 -18.53
CA ARG B 177 -1.47 -8.24 -17.83
C ARG B 177 -1.72 -8.62 -16.36
N PRO B 178 -0.74 -9.26 -15.72
CA PRO B 178 -0.95 -9.71 -14.34
C PRO B 178 -0.93 -8.53 -13.36
N LEU B 179 -1.95 -8.48 -12.51
CA LEU B 179 -1.98 -7.50 -11.43
C LEU B 179 -1.13 -7.97 -10.26
N THR B 180 -0.33 -7.05 -9.71
CA THR B 180 0.54 -7.40 -8.60
C THR B 180 -0.28 -7.56 -7.32
N GLU B 181 0.40 -8.04 -6.28
CA GLU B 181 -0.28 -8.23 -5.00
C GLU B 181 -0.70 -6.89 -4.40
N VAL B 182 0.15 -5.87 -4.52
CA VAL B 182 -0.19 -4.55 -4.00
C VAL B 182 -1.41 -3.98 -4.74
N GLU B 183 -1.46 -4.16 -6.05
CA GLU B 183 -2.61 -3.67 -6.81
C GLU B 183 -3.89 -4.38 -6.38
N MET B 184 -3.84 -5.70 -6.23
CA MET B 184 -5.00 -6.42 -5.72
C MET B 184 -5.38 -5.94 -4.32
N ASP B 185 -4.38 -5.64 -3.48
CA ASP B 185 -4.68 -5.23 -2.11
C ASP B 185 -5.39 -3.90 -2.07
N HIS B 186 -5.04 -2.98 -2.98
CA HIS B 186 -5.74 -1.70 -3.05
C HIS B 186 -7.20 -1.90 -3.46
N TYR B 187 -7.45 -2.83 -4.38
CA TYR B 187 -8.82 -3.13 -4.78
C TYR B 187 -9.57 -3.92 -3.72
N ARG B 188 -8.87 -4.71 -2.90
CA ARG B 188 -9.52 -5.46 -1.82
C ARG B 188 -9.88 -4.56 -0.65
N GLU B 189 -9.15 -3.47 -0.45
CA GLU B 189 -9.27 -2.68 0.77
C GLU B 189 -10.69 -2.24 1.12
N PRO B 190 -11.54 -1.77 0.20
CA PRO B 190 -12.88 -1.34 0.60
C PRO B 190 -13.86 -2.48 0.86
N PHE B 191 -13.47 -3.74 0.66
CA PHE B 191 -14.41 -4.84 0.75
C PHE B 191 -13.88 -5.98 1.61
N LEU B 192 -13.02 -5.66 2.58
CA LEU B 192 -12.55 -6.69 3.51
C LEU B 192 -13.70 -7.27 4.34
N ASN B 193 -14.70 -6.46 4.68
CA ASN B 193 -15.83 -6.95 5.44
C ASN B 193 -16.94 -7.39 4.48
N PRO B 194 -17.42 -8.63 4.56
CA PRO B 194 -18.44 -9.09 3.60
C PRO B 194 -19.70 -8.21 3.54
N VAL B 195 -20.13 -7.61 4.65
CA VAL B 195 -21.36 -6.81 4.64
C VAL B 195 -21.21 -5.59 3.74
N ASP B 196 -19.97 -5.21 3.40
CA ASP B 196 -19.70 -4.03 2.59
C ASP B 196 -19.68 -4.31 1.10
N ARG B 197 -20.02 -5.53 0.68
CA ARG B 197 -19.87 -5.94 -0.71
C ARG B 197 -21.16 -5.86 -1.51
N GLU B 198 -22.20 -5.24 -0.95
CA GLU B 198 -23.46 -5.11 -1.68
C GLU B 198 -23.29 -4.46 -3.07
N PRO B 199 -22.54 -3.36 -3.24
CA PRO B 199 -22.40 -2.80 -4.59
C PRO B 199 -21.77 -3.77 -5.58
N LEU B 200 -20.90 -4.67 -5.11
CA LEU B 200 -20.26 -5.62 -6.00
C LEU B 200 -21.27 -6.57 -6.61
N TRP B 201 -22.34 -6.89 -5.89
CA TRP B 201 -23.38 -7.78 -6.37
C TRP B 201 -24.49 -7.03 -7.12
N ARG B 202 -24.89 -5.87 -6.62
CA ARG B 202 -26.00 -5.15 -7.23
C ARG B 202 -25.63 -4.55 -8.59
N PHE B 203 -24.37 -4.15 -8.77
CA PHE B 203 -23.95 -3.57 -10.05
C PHE B 203 -24.11 -4.54 -11.22
N PRO B 204 -23.55 -5.77 -11.19
CA PRO B 204 -23.82 -6.68 -12.32
C PRO B 204 -25.27 -7.10 -12.42
N ASN B 205 -26.04 -7.01 -11.34
CA ASN B 205 -27.47 -7.27 -11.41
C ASN B 205 -28.24 -6.11 -12.03
N GLU B 206 -27.63 -4.93 -12.16
CA GLU B 206 -28.23 -3.82 -12.88
C GLU B 206 -27.84 -3.77 -14.35
N LEU B 207 -26.89 -4.59 -14.78
CA LEU B 207 -26.47 -4.58 -16.17
C LEU B 207 -27.66 -4.81 -17.10
N PRO B 208 -27.91 -3.91 -18.05
CA PRO B 208 -28.99 -4.14 -19.01
C PRO B 208 -28.68 -5.30 -19.95
N ILE B 209 -29.11 -6.51 -19.58
CA ILE B 209 -28.90 -7.71 -20.40
C ILE B 209 -30.25 -8.39 -20.61
N ALA B 210 -30.58 -8.65 -21.87
CA ALA B 210 -31.80 -9.39 -22.24
C ALA B 210 -33.06 -8.72 -21.70
N GLY B 211 -33.11 -7.39 -21.81
CA GLY B 211 -34.29 -6.64 -21.45
C GLY B 211 -34.49 -6.42 -19.96
N GLU B 212 -33.68 -7.02 -19.10
CA GLU B 212 -33.85 -6.88 -17.67
C GLU B 212 -32.56 -6.36 -17.04
N PRO B 213 -32.66 -5.41 -16.08
CA PRO B 213 -33.90 -4.77 -15.62
C PRO B 213 -34.42 -3.75 -16.62
N ALA B 214 -35.74 -3.74 -16.82
CA ALA B 214 -36.32 -2.91 -17.88
C ALA B 214 -36.05 -1.42 -17.66
N ASN B 215 -35.98 -0.98 -16.40
CA ASN B 215 -35.77 0.44 -16.14
C ASN B 215 -34.36 0.87 -16.52
N ILE B 216 -33.36 0.00 -16.30
CA ILE B 216 -32.00 0.34 -16.70
C ILE B 216 -31.86 0.29 -18.22
N VAL B 217 -32.49 -0.71 -18.85
CA VAL B 217 -32.44 -0.83 -20.30
C VAL B 217 -32.93 0.46 -20.97
N ALA B 218 -34.06 0.98 -20.52
CA ALA B 218 -34.59 2.21 -21.10
C ALA B 218 -33.69 3.39 -20.78
N LEU B 219 -33.18 3.47 -19.55
CA LEU B 219 -32.32 4.59 -19.18
C LEU B 219 -31.03 4.56 -19.99
N VAL B 220 -30.51 3.36 -20.27
CA VAL B 220 -29.29 3.28 -21.06
C VAL B 220 -29.58 3.54 -22.54
N GLU B 221 -30.67 2.96 -23.06
CA GLU B 221 -31.05 3.25 -24.45
C GLU B 221 -31.28 4.73 -24.68
N GLU B 222 -31.73 5.44 -23.64
CA GLU B 222 -32.02 6.87 -23.77
C GLU B 222 -30.75 7.67 -23.99
N TYR B 223 -29.74 7.49 -23.13
CA TYR B 223 -28.51 8.23 -23.33
C TYR B 223 -27.71 7.73 -24.53
N MET B 224 -27.88 6.46 -24.93
CA MET B 224 -27.23 6.03 -26.16
C MET B 224 -27.81 6.75 -27.37
N ASP B 225 -29.13 7.00 -27.35
CA ASP B 225 -29.75 7.74 -28.44
C ASP B 225 -29.28 9.19 -28.46
N TRP B 226 -29.07 9.78 -27.28
CA TRP B 226 -28.50 11.12 -27.23
C TRP B 226 -27.06 11.11 -27.74
N LEU B 227 -26.31 10.06 -27.44
CA LEU B 227 -24.94 9.95 -27.91
C LEU B 227 -24.87 9.88 -29.43
N HIS B 228 -25.82 9.18 -30.06
CA HIS B 228 -25.86 9.06 -31.51
C HIS B 228 -26.30 10.35 -32.20
N GLN B 229 -26.78 11.33 -31.45
CA GLN B 229 -27.23 12.59 -32.03
C GLN B 229 -26.44 13.81 -31.55
N SER B 230 -25.91 13.78 -30.34
CA SER B 230 -25.30 14.97 -29.78
C SER B 230 -23.97 15.28 -30.46
N PRO B 231 -23.66 16.55 -30.71
CA PRO B 231 -22.36 16.92 -31.29
C PRO B 231 -21.23 17.03 -30.28
N VAL B 232 -21.44 16.62 -29.03
CA VAL B 232 -20.42 16.75 -28.00
C VAL B 232 -19.17 15.99 -28.41
N PRO B 233 -17.97 16.51 -28.19
CA PRO B 233 -16.75 15.79 -28.59
C PRO B 233 -16.59 14.49 -27.82
N LYS B 234 -16.32 13.42 -28.55
CA LYS B 234 -16.27 12.07 -27.97
C LYS B 234 -14.90 11.46 -28.24
N LEU B 235 -14.36 10.77 -27.22
CA LEU B 235 -13.09 10.06 -27.34
C LEU B 235 -13.29 8.65 -26.80
N LEU B 236 -13.22 7.67 -27.69
CA LEU B 236 -13.47 6.27 -27.35
C LEU B 236 -12.15 5.50 -27.33
N PHE B 237 -11.88 4.84 -26.21
CA PHE B 237 -10.78 3.90 -26.09
C PHE B 237 -11.33 2.48 -26.09
N TRP B 238 -10.65 1.58 -26.80
CA TRP B 238 -11.11 0.21 -26.88
C TRP B 238 -9.92 -0.73 -26.99
N GLY B 239 -10.18 -2.01 -26.71
CA GLY B 239 -9.14 -3.01 -26.73
C GLY B 239 -9.66 -4.35 -27.21
N THR B 240 -8.74 -5.25 -27.49
CA THR B 240 -9.04 -6.59 -27.95
C THR B 240 -8.74 -7.60 -26.85
N PRO B 241 -9.66 -8.51 -26.53
CA PRO B 241 -10.99 -8.64 -27.14
C PRO B 241 -12.05 -7.77 -26.44
N GLY B 242 -11.68 -7.10 -25.37
CA GLY B 242 -12.63 -6.32 -24.60
C GLY B 242 -13.59 -7.21 -23.82
N VAL B 243 -14.55 -6.55 -23.16
CA VAL B 243 -15.59 -7.25 -22.39
C VAL B 243 -16.94 -6.66 -22.73
N LEU B 244 -17.16 -5.39 -22.35
CA LEU B 244 -18.39 -4.71 -22.68
C LEU B 244 -18.39 -4.19 -24.11
N ILE B 245 -17.23 -3.81 -24.63
CA ILE B 245 -17.13 -3.29 -25.99
C ILE B 245 -16.16 -4.14 -26.80
N PRO B 246 -16.61 -5.20 -27.46
CA PRO B 246 -15.72 -5.94 -28.36
C PRO B 246 -15.36 -5.09 -29.57
N PRO B 247 -14.23 -5.38 -30.22
CA PRO B 247 -13.76 -4.50 -31.31
C PRO B 247 -14.78 -4.24 -32.41
N ALA B 248 -15.68 -5.19 -32.68
CA ALA B 248 -16.69 -4.97 -33.72
C ALA B 248 -17.68 -3.88 -33.32
N GLU B 249 -18.06 -3.86 -32.03
CA GLU B 249 -18.92 -2.78 -31.56
C GLU B 249 -18.18 -1.45 -31.53
N ALA B 250 -16.90 -1.47 -31.16
CA ALA B 250 -16.10 -0.26 -31.21
C ALA B 250 -16.05 0.31 -32.62
N ALA B 251 -15.75 -0.53 -33.62
CA ALA B 251 -15.74 -0.08 -35.00
C ALA B 251 -17.11 0.42 -35.43
N ARG B 252 -18.18 -0.25 -34.97
CA ARG B 252 -19.53 0.20 -35.23
C ARG B 252 -19.78 1.57 -34.60
N LEU B 253 -19.48 1.70 -33.30
CA LEU B 253 -19.72 2.96 -32.61
C LEU B 253 -18.87 4.09 -33.17
N ALA B 254 -17.66 3.76 -33.62
CA ALA B 254 -16.77 4.79 -34.16
C ALA B 254 -17.40 5.47 -35.36
N LYS B 255 -18.11 4.70 -36.20
CA LYS B 255 -18.70 5.27 -37.41
C LYS B 255 -20.02 5.99 -37.15
N SER B 256 -20.80 5.55 -36.15
CA SER B 256 -22.14 6.09 -35.95
C SER B 256 -22.21 7.24 -34.96
N LEU B 257 -21.25 7.35 -34.04
CA LEU B 257 -21.29 8.42 -33.04
C LEU B 257 -20.74 9.71 -33.64
N PRO B 258 -21.50 10.81 -33.63
CA PRO B 258 -20.99 12.06 -34.20
C PRO B 258 -19.79 12.59 -33.42
N ASN B 259 -18.81 13.11 -34.15
CA ASN B 259 -17.69 13.86 -33.57
C ASN B 259 -16.85 12.99 -32.63
N CYS B 260 -16.58 11.75 -33.04
CA CYS B 260 -15.94 10.77 -32.20
C CYS B 260 -14.58 10.38 -32.76
N LYS B 261 -13.60 10.22 -31.87
CA LYS B 261 -12.27 9.74 -32.22
C LYS B 261 -12.01 8.46 -31.45
N ALA B 262 -11.74 7.36 -32.17
CA ALA B 262 -11.55 6.05 -31.55
C ALA B 262 -10.07 5.71 -31.49
N VAL B 263 -9.64 5.19 -30.35
CA VAL B 263 -8.24 4.83 -30.12
C VAL B 263 -8.17 3.36 -29.74
N ASP B 264 -7.36 2.60 -30.46
CA ASP B 264 -7.07 1.21 -30.15
C ASP B 264 -5.91 1.16 -29.15
N ILE B 265 -6.16 0.62 -27.95
CA ILE B 265 -5.10 0.50 -26.96
C ILE B 265 -4.35 -0.82 -27.07
N GLY B 266 -4.75 -1.70 -27.98
CA GLY B 266 -4.12 -2.99 -28.11
C GLY B 266 -4.82 -4.04 -27.28
N PRO B 267 -4.04 -4.94 -26.68
CA PRO B 267 -4.65 -5.97 -25.81
C PRO B 267 -5.34 -5.34 -24.61
N GLY B 268 -6.57 -5.78 -24.37
CA GLY B 268 -7.36 -5.21 -23.31
C GLY B 268 -8.64 -5.98 -23.06
N LEU B 269 -9.13 -5.95 -21.81
CA LEU B 269 -10.35 -6.65 -21.43
C LEU B 269 -11.37 -5.63 -20.97
N ASN B 270 -11.50 -5.38 -19.67
CA ASN B 270 -12.42 -4.38 -19.15
C ASN B 270 -11.71 -3.18 -18.56
N LEU B 271 -10.72 -3.40 -17.69
CA LEU B 271 -9.95 -2.32 -17.09
C LEU B 271 -8.83 -1.93 -18.05
N LEU B 272 -9.22 -1.21 -19.11
CA LEU B 272 -8.23 -0.73 -20.06
C LEU B 272 -7.18 0.14 -19.40
N GLN B 273 -7.54 0.83 -18.32
CA GLN B 273 -6.58 1.67 -17.59
C GLN B 273 -5.40 0.86 -17.07
N GLU B 274 -5.61 -0.41 -16.73
CA GLU B 274 -4.53 -1.20 -16.17
C GLU B 274 -3.63 -1.85 -17.22
N ASP B 275 -4.07 -1.88 -18.47
CA ASP B 275 -3.29 -2.50 -19.55
C ASP B 275 -2.44 -1.50 -20.33
N ASN B 276 -2.92 -0.27 -20.54
CA ASN B 276 -2.18 0.73 -21.29
C ASN B 276 -2.54 2.12 -20.78
N PRO B 277 -2.17 2.46 -19.54
CA PRO B 277 -2.48 3.79 -19.03
C PRO B 277 -1.71 4.90 -19.72
N ASP B 278 -0.51 4.62 -20.25
CA ASP B 278 0.27 5.67 -20.87
C ASP B 278 -0.39 6.20 -22.13
N LEU B 279 -0.87 5.30 -22.99
CA LEU B 279 -1.57 5.74 -24.19
C LEU B 279 -2.88 6.44 -23.85
N ILE B 280 -3.64 5.90 -22.89
CA ILE B 280 -4.93 6.50 -22.56
C ILE B 280 -4.75 7.90 -22.01
N GLY B 281 -3.86 8.06 -21.03
CA GLY B 281 -3.64 9.38 -20.45
C GLY B 281 -3.06 10.39 -21.43
N SER B 282 -2.09 9.97 -22.24
CA SER B 282 -1.46 10.90 -23.16
C SER B 282 -2.36 11.25 -24.33
N GLU B 283 -3.28 10.36 -24.69
CA GLU B 283 -4.26 10.70 -25.73
C GLU B 283 -5.34 11.64 -25.20
N ILE B 284 -5.71 11.50 -23.93
CA ILE B 284 -6.67 12.44 -23.34
C ILE B 284 -6.04 13.83 -23.24
N ALA B 285 -4.76 13.90 -22.86
CA ALA B 285 -4.09 15.20 -22.80
C ALA B 285 -4.05 15.86 -24.16
N ARG B 286 -3.74 15.10 -25.21
CA ARG B 286 -3.70 15.67 -26.55
C ARG B 286 -5.10 16.05 -27.03
N TRP B 287 -6.10 15.26 -26.67
CA TRP B 287 -7.47 15.49 -27.11
C TRP B 287 -8.10 16.70 -26.42
N LEU B 288 -7.71 16.96 -25.17
CA LEU B 288 -8.22 18.13 -24.46
C LEU B 288 -7.89 19.43 -25.21
N SER B 289 -6.75 19.46 -25.91
CA SER B 289 -6.39 20.68 -26.63
C SER B 289 -7.36 20.97 -27.77
N THR B 290 -8.03 19.94 -28.29
CA THR B 290 -8.95 20.09 -29.39
C THR B 290 -10.34 20.54 -28.95
N LEU B 291 -10.50 20.93 -27.69
CA LEU B 291 -11.79 21.39 -27.17
C LEU B 291 -11.70 22.87 -26.82
N GLU B 292 -12.86 23.51 -26.72
CA GLU B 292 -12.95 24.91 -26.33
C GLU B 292 -13.23 24.98 -24.83
N ILE B 293 -12.18 24.70 -24.05
CA ILE B 293 -12.29 24.60 -22.60
C ILE B 293 -11.34 25.57 -21.91
N1 IYU C . 24.96 -3.01 15.19
C7 IYU C . 26.14 -5.01 16.02
C8 IYU C . 25.43 -3.72 16.39
N2 IYU C . 39.27 -9.92 8.09
C9 IYU C . 24.08 -0.67 16.26
O1 IYU C . 31.79 -6.17 18.66
C1 IYU C . 33.59 -5.45 17.26
O5 IYU C . 39.90 -10.66 14.01
C5 IYU C . 27.84 -5.07 17.90
C6 IYU C . 26.67 -5.75 17.22
N3 IYU C . 34.38 -15.08 14.39
C4 IYU C . 29.44 -6.49 18.93
O4 IYU C . 26.50 -1.13 15.48
C3 IYU C . 30.52 -5.56 18.46
O3 IYU C . 24.73 -1.01 13.78
C2 IYU C . 32.48 -6.45 17.45
N IYU C . 34.84 -6.09 16.85
C IYU C . 34.96 -6.74 15.69
O IYU C . 34.06 -6.77 14.85
C10 IYU C . 36.24 -7.47 15.45
C11 IYU C . 37.43 -7.12 16.07
C12 IYU C . 38.59 -7.84 15.81
C13 IYU C . 38.58 -8.92 14.93
C14 IYU C . 39.90 -9.59 14.67
C15 IYU C . 37.38 -9.27 14.29
C16 IYU C . 37.28 -10.36 13.28
C17 IYU C . 37.80 -10.22 12.00
C18 IYU C . 38.53 -9.11 11.59
C19 IYU C . 39.02 -9.01 10.30
C20 IYU C . 38.80 -10.02 9.37
C21 IYU C . 40.03 -8.74 7.68
C22 IYU C . 38.60 -10.60 6.99
C23 IYU C . 38.07 -11.14 9.77
C24 IYU C . 37.58 -11.24 11.06
C25 IYU C . 36.53 -11.56 13.63
C26 IYU C . 35.96 -11.81 14.88
C27 IYU C . 35.26 -12.97 15.13
C28 IYU C . 36.35 -12.53 12.64
C29 IYU C . 35.65 -13.69 12.88
C30 IYU C . 35.09 -13.94 14.14
C31 IYU C . 33.78 -15.30 15.70
C32 IYU C . 33.78 -15.82 13.30
C33 IYU C . 36.23 -8.54 14.56
O2 IYU C . 28.21 -5.79 19.06
O6 IYU C . 40.93 -9.09 15.18
O7 IYU C . 36.87 -12.38 11.36
S IYU C . 25.16 -1.41 15.08
N1 IYU D . -17.92 -4.83 -14.26
C7 IYU D . -15.98 -6.30 -14.62
C8 IYU D . -17.14 -5.56 -15.27
N2 IYU D . -12.60 -18.22 -5.03
C9 IYU D . -20.07 -3.82 -15.57
O1 IYU D . -15.42 -12.19 -16.68
C1 IYU D . -16.10 -13.86 -15.14
O5 IYU D . -11.51 -19.98 -10.77
C5 IYU D . -15.53 -8.18 -16.26
C6 IYU D . -15.02 -6.92 -15.61
N3 IYU D . -6.70 -14.85 -11.66
C4 IYU D . -14.39 -10.10 -17.14
O4 IYU D . -19.90 -6.21 -14.63
C3 IYU D . -15.58 -10.78 -16.56
O3 IYU D . -19.99 -4.34 -13.04
C2 IYU D . -15.07 -12.83 -15.46
N IYU D . -15.52 -15.07 -14.56
C IYU D . -15.01 -15.09 -13.33
O IYU D . -15.03 -14.11 -12.60
C10 IYU D . -14.38 -16.37 -12.88
C11 IYU D . -14.75 -17.60 -13.38
C12 IYU D . -14.13 -18.76 -12.94
C13 IYU D . -13.10 -18.70 -11.98
C14 IYU D . -12.49 -20.01 -11.55
C15 IYU D . -12.71 -17.44 -11.47
C16 IYU D . -11.66 -17.27 -10.43
C17 IYU D . -11.91 -17.54 -9.10
C18 IYU D . -13.12 -18.07 -8.66
C19 IYU D . -13.36 -18.30 -7.31
C20 IYU D . -12.38 -17.99 -6.36
C21 IYU D . -13.86 -18.80 -4.58
C22 IYU D . -11.79 -17.56 -4.03
C23 IYU D . -11.17 -17.45 -6.80
C24 IYU D . -10.95 -17.23 -8.14
C25 IYU D . -10.37 -16.70 -10.82
C26 IYU D . -10.01 -16.39 -12.13
C27 IYU D . -8.79 -15.79 -12.41
C28 IYU D . -9.47 -16.40 -9.81
C29 IYU D . -8.25 -15.79 -10.08
C30 IYU D . -7.89 -15.47 -11.39
C31 IYU D . -6.34 -14.51 -13.03
C32 IYU D . -5.67 -14.74 -10.65
C33 IYU D . -13.36 -16.29 -11.93
O2 IYU D . -14.55 -8.67 -17.16
O6 IYU D . -12.96 -21.07 -12.03
O7 IYU D . -9.73 -16.66 -8.47
S IYU D . -19.53 -4.88 -14.28
#